data_6UPP
#
_entry.id   6UPP
#
_cell.length_a   41.910
_cell.length_b   61.179
_cell.length_c   116.643
_cell.angle_alpha   90.000
_cell.angle_beta   90.000
_cell.angle_gamma   90.000
#
_symmetry.space_group_name_H-M   'P 21 21 21'
#
loop_
_entity.id
_entity.type
_entity.pdbx_description
1 polymer 'Methyl-accepting chemotaxis protein'
2 non-polymer 'Phycoviolobilin, blue light-absorbing form'
3 non-polymer 'MAGNESIUM ION'
4 non-polymer 1,2-ETHANEDIOL
5 water water
#
_entity_poly.entity_id   1
_entity_poly.type   'polypeptide(L)'
_entity_poly.pdbx_seq_one_letter_code
;SELRDRQAIFETLVAKGRELLACDRVIVYAFDDNYVGTVVAESVAEGWPQARDQVIEDPCFREHWVEAYRQGRIQATTDI
FKAGLTECHLNQLRPLKVRANLVVPMVIDDQLFGLLIAHQASEPRQWQEIEIDQFSELASTGSLVLERLH
;
_entity_poly.pdbx_strand_id   A,B
#
loop_
_chem_comp.id
_chem_comp.type
_chem_comp.name
_chem_comp.formula
EDO non-polymer 1,2-ETHANEDIOL 'C2 H6 O2'
MG non-polymer 'MAGNESIUM ION' 'Mg 2'
VRB non-polymer 'Phycoviolobilin, blue light-absorbing form' 'C33 H42 N4 O6'
#
# COMPACT_ATOMS: atom_id res chain seq x y z
N SER A 1 13.33 4.60 16.44
CA SER A 1 14.29 5.16 15.51
C SER A 1 13.66 5.37 14.14
N GLU A 2 13.68 6.63 13.67
CA GLU A 2 13.12 6.94 12.35
C GLU A 2 13.90 6.22 11.25
N LEU A 3 15.22 6.14 11.41
CA LEU A 3 16.05 5.51 10.40
C LEU A 3 15.79 4.01 10.30
N ARG A 4 15.69 3.34 11.45
N ARG A 4 15.70 3.33 11.44
CA ARG A 4 15.43 1.90 11.45
CA ARG A 4 15.44 1.89 11.39
C ARG A 4 14.04 1.61 10.88
C ARG A 4 14.04 1.61 10.85
N ASP A 5 13.04 2.38 11.32
CA ASP A 5 11.69 2.22 10.78
C ASP A 5 11.65 2.43 9.28
N ARG A 6 12.28 3.53 8.82
CA ARG A 6 12.41 3.83 7.40
C ARG A 6 12.88 2.60 6.63
N GLN A 7 14.04 2.08 7.00
CA GLN A 7 14.62 0.98 6.24
C GLN A 7 13.68 -0.21 6.17
N ALA A 8 12.97 -0.50 7.27
CA ALA A 8 12.00 -1.61 7.26
C ALA A 8 10.93 -1.38 6.20
N ILE A 9 10.36 -0.18 6.16
CA ILE A 9 9.34 0.13 5.16
C ILE A 9 9.94 0.05 3.76
N PHE A 10 11.13 0.62 3.55
CA PHE A 10 11.74 0.56 2.22
C PHE A 10 11.93 -0.88 1.77
N GLU A 11 12.37 -1.74 2.67
CA GLU A 11 12.60 -3.14 2.30
C GLU A 11 11.29 -3.81 1.91
N THR A 12 10.20 -3.47 2.61
CA THR A 12 8.89 -3.98 2.22
C THR A 12 8.49 -3.49 0.84
N LEU A 13 8.71 -2.21 0.56
CA LEU A 13 8.33 -1.66 -0.74
C LEU A 13 9.08 -2.32 -1.90
N VAL A 14 10.39 -2.52 -1.76
CA VAL A 14 11.12 -3.01 -2.91
C VAL A 14 10.79 -4.48 -3.16
N ALA A 15 10.59 -5.24 -2.08
CA ALA A 15 10.26 -6.65 -2.22
C ALA A 15 8.87 -6.82 -2.81
N LYS A 16 7.89 -6.09 -2.27
CA LYS A 16 6.54 -6.17 -2.81
C LYS A 16 6.49 -5.65 -4.24
N GLY A 17 7.25 -4.59 -4.53
CA GLY A 17 7.25 -4.05 -5.87
C GLY A 17 7.78 -5.04 -6.90
N ARG A 18 8.90 -5.67 -6.59
CA ARG A 18 9.45 -6.62 -7.54
C ARG A 18 8.55 -7.86 -7.67
N GLU A 19 7.90 -8.26 -6.58
CA GLU A 19 6.94 -9.36 -6.68
C GLU A 19 5.76 -8.98 -7.57
N LEU A 20 5.22 -7.78 -7.37
N LEU A 20 5.23 -7.77 -7.40
CA LEU A 20 4.08 -7.31 -8.16
CA LEU A 20 4.07 -7.36 -8.16
C LEU A 20 4.41 -7.29 -9.64
C LEU A 20 4.37 -7.23 -9.66
N LEU A 21 5.55 -6.73 -9.99
CA LEU A 21 5.90 -6.50 -11.38
C LEU A 21 6.67 -7.64 -12.03
N ALA A 22 7.26 -8.55 -11.25
CA ALA A 22 8.13 -9.56 -11.81
C ALA A 22 9.15 -8.95 -12.78
N CYS A 23 9.80 -7.90 -12.31
CA CYS A 23 10.84 -7.19 -13.04
C CYS A 23 12.20 -7.51 -12.43
N ASP A 24 13.26 -6.93 -13.01
CA ASP A 24 14.61 -7.30 -12.60
C ASP A 24 15.07 -6.56 -11.34
N ARG A 25 14.59 -5.33 -11.10
CA ARG A 25 15.04 -4.55 -9.96
C ARG A 25 13.94 -3.60 -9.53
N VAL A 26 13.78 -3.41 -8.23
CA VAL A 26 13.03 -2.29 -7.67
C VAL A 26 13.90 -1.63 -6.60
N ILE A 27 13.96 -0.31 -6.63
CA ILE A 27 14.75 0.45 -5.66
C ILE A 27 13.93 1.60 -5.12
N VAL A 28 14.33 2.04 -3.92
CA VAL A 28 13.95 3.33 -3.36
C VAL A 28 15.15 4.26 -3.56
N TYR A 29 14.90 5.40 -4.18
CA TYR A 29 15.90 6.41 -4.54
C TYR A 29 15.51 7.67 -3.77
N ALA A 30 16.25 7.97 -2.71
CA ALA A 30 15.88 9.05 -1.77
C ALA A 30 16.74 10.29 -2.00
N PHE A 31 16.11 11.46 -1.96
CA PHE A 31 16.76 12.73 -2.27
C PHE A 31 17.31 13.42 -1.04
N ASP A 32 18.45 14.09 -1.20
CA ASP A 32 18.91 15.06 -0.21
C ASP A 32 18.65 16.49 -0.73
N ASP A 33 19.19 17.49 -0.03
CA ASP A 33 18.83 18.88 -0.33
C ASP A 33 19.49 19.41 -1.60
N ASN A 34 20.52 18.74 -2.11
CA ASN A 34 20.98 19.01 -3.46
C ASN A 34 20.13 18.31 -4.52
N TYR A 35 19.06 17.61 -4.10
CA TYR A 35 18.33 16.66 -4.93
C TYR A 35 19.27 15.68 -5.62
N VAL A 36 20.29 15.29 -4.89
CA VAL A 36 21.09 14.10 -5.19
C VAL A 36 20.37 12.92 -4.58
N GLY A 37 20.27 11.82 -5.32
N GLY A 37 20.28 11.82 -5.31
CA GLY A 37 19.57 10.64 -4.87
CA GLY A 37 19.53 10.64 -4.86
C GLY A 37 20.52 9.56 -4.41
C GLY A 37 20.46 9.51 -4.46
N THR A 38 20.11 8.82 -3.37
CA THR A 38 20.82 7.64 -2.93
C THR A 38 19.90 6.43 -3.03
N VAL A 39 20.43 5.34 -3.57
CA VAL A 39 19.69 4.08 -3.62
C VAL A 39 19.75 3.50 -2.22
N VAL A 40 18.65 3.58 -1.48
CA VAL A 40 18.63 3.17 -0.08
C VAL A 40 17.99 1.83 0.18
N ALA A 41 17.37 1.22 -0.83
CA ALA A 41 16.89 -0.15 -0.71
C ALA A 41 16.77 -0.73 -2.11
N GLU A 42 16.94 -2.04 -2.20
CA GLU A 42 16.92 -2.72 -3.49
C GLU A 42 16.43 -4.16 -3.34
N SER A 43 15.57 -4.57 -4.26
CA SER A 43 15.29 -5.98 -4.52
C SER A 43 15.70 -6.22 -5.97
N VAL A 44 16.58 -7.19 -6.20
CA VAL A 44 17.14 -7.39 -7.53
C VAL A 44 17.24 -8.89 -7.82
N ALA A 45 16.89 -9.25 -9.05
CA ALA A 45 16.95 -10.63 -9.48
C ALA A 45 18.40 -11.07 -9.73
N GLU A 46 18.58 -12.38 -9.79
CA GLU A 46 19.89 -12.96 -10.03
C GLU A 46 20.51 -12.44 -11.32
N GLY A 47 21.81 -12.18 -11.24
CA GLY A 47 22.60 -11.88 -12.43
C GLY A 47 22.82 -10.41 -12.69
N TRP A 48 22.08 -9.54 -12.01
CA TRP A 48 22.22 -8.11 -12.24
C TRP A 48 23.04 -7.44 -11.15
N PRO A 49 23.78 -6.40 -11.51
CA PRO A 49 24.49 -5.64 -10.48
C PRO A 49 23.57 -5.13 -9.40
N GLN A 50 24.11 -5.05 -8.19
CA GLN A 50 23.40 -4.47 -7.06
C GLN A 50 23.56 -2.96 -7.10
N ALA A 51 22.45 -2.26 -7.32
CA ALA A 51 22.42 -0.80 -7.32
C ALA A 51 22.39 -0.24 -5.91
N ARG A 52 22.18 -1.10 -4.90
CA ARG A 52 22.13 -0.68 -3.52
C ARG A 52 23.36 0.17 -3.17
N ASP A 53 23.11 1.20 -2.38
CA ASP A 53 24.16 2.02 -1.80
C ASP A 53 24.92 2.81 -2.87
N GLN A 54 24.26 3.17 -3.96
CA GLN A 54 24.80 4.08 -4.97
C GLN A 54 24.26 5.48 -4.72
N VAL A 55 25.15 6.47 -4.72
CA VAL A 55 24.76 7.87 -4.76
C VAL A 55 24.86 8.32 -6.21
N ILE A 56 23.74 8.78 -6.75
CA ILE A 56 23.64 9.15 -8.15
C ILE A 56 23.09 10.55 -8.24
N GLU A 57 23.92 11.49 -8.67
CA GLU A 57 23.49 12.87 -8.83
C GLU A 57 23.00 13.07 -10.26
N ASP A 58 21.72 13.39 -10.39
CA ASP A 58 21.14 13.66 -11.71
C ASP A 58 20.44 15.00 -11.63
N PRO A 59 20.97 16.04 -12.28
CA PRO A 59 20.38 17.37 -12.11
C PRO A 59 18.99 17.54 -12.71
N CYS A 60 18.49 16.61 -13.53
CA CYS A 60 17.23 16.92 -14.20
C CYS A 60 16.07 17.06 -13.21
N PHE A 61 16.13 16.35 -12.08
CA PHE A 61 15.04 16.43 -11.12
C PHE A 61 14.92 17.85 -10.56
N ARG A 62 16.00 18.36 -9.96
CA ARG A 62 15.92 19.71 -9.39
C ARG A 62 15.68 20.76 -10.47
N GLU A 63 16.16 20.53 -11.69
CA GLU A 63 16.09 21.57 -12.70
C GLU A 63 14.72 21.63 -13.37
N HIS A 64 13.99 20.52 -13.41
CA HIS A 64 12.77 20.47 -14.21
C HIS A 64 11.58 19.83 -13.51
N TRP A 65 11.78 18.82 -12.66
CA TRP A 65 10.69 17.88 -12.40
C TRP A 65 10.25 17.70 -10.97
N VAL A 66 10.91 18.30 -9.97
CA VAL A 66 10.55 18.00 -8.59
C VAL A 66 9.06 18.30 -8.34
N GLU A 67 8.61 19.51 -8.67
CA GLU A 67 7.21 19.87 -8.45
C GLU A 67 6.26 18.92 -9.19
N ALA A 68 6.59 18.58 -10.43
CA ALA A 68 5.76 17.67 -11.21
C ALA A 68 5.61 16.32 -10.51
N TYR A 69 6.73 15.77 -10.02
CA TYR A 69 6.66 14.51 -9.28
C TYR A 69 5.84 14.64 -8.00
N ARG A 70 5.98 15.77 -7.29
CA ARG A 70 5.12 16.03 -6.15
C ARG A 70 3.65 15.85 -6.54
N GLN A 71 3.28 16.33 -7.73
CA GLN A 71 1.91 16.31 -8.23
C GLN A 71 1.55 14.99 -8.90
N GLY A 72 2.39 13.97 -8.83
CA GLY A 72 2.02 12.67 -9.34
C GLY A 72 2.55 12.29 -10.71
N ARG A 73 3.46 13.08 -11.27
CA ARG A 73 4.19 12.65 -12.46
C ARG A 73 4.82 11.27 -12.26
N ILE A 74 4.89 10.51 -13.35
CA ILE A 74 5.65 9.29 -13.42
C ILE A 74 6.62 9.39 -14.60
N GLN A 75 7.48 8.39 -14.71
CA GLN A 75 8.20 8.14 -15.95
C GLN A 75 7.98 6.67 -16.28
N ALA A 76 7.36 6.40 -17.43
CA ALA A 76 7.24 5.05 -17.95
C ALA A 76 7.98 4.99 -19.27
N THR A 77 9.04 4.20 -19.33
CA THR A 77 9.87 4.10 -20.53
C THR A 77 10.00 2.65 -20.94
N THR A 78 9.54 2.37 -22.17
CA THR A 78 9.57 1.01 -22.68
C THR A 78 10.97 0.58 -23.07
N ASP A 79 11.76 1.48 -23.66
CA ASP A 79 13.10 1.16 -24.15
C ASP A 79 13.97 2.40 -24.03
N ILE A 80 14.87 2.41 -23.05
CA ILE A 80 15.63 3.63 -22.80
C ILE A 80 16.48 4.01 -24.00
N PHE A 81 16.78 3.07 -24.90
CA PHE A 81 17.63 3.38 -26.04
C PHE A 81 16.85 3.98 -27.20
N LYS A 82 15.52 4.07 -27.08
N LYS A 82 15.53 4.07 -27.09
CA LYS A 82 14.67 4.75 -28.04
CA LYS A 82 14.70 4.78 -28.06
C LYS A 82 14.04 6.00 -27.45
C LYS A 82 14.03 5.98 -27.43
N ALA A 83 14.59 6.52 -26.35
CA ALA A 83 13.97 7.57 -25.57
C ALA A 83 14.63 8.92 -25.76
N GLY A 84 15.58 9.03 -26.67
CA GLY A 84 16.24 10.30 -26.94
C GLY A 84 17.01 10.84 -25.75
N LEU A 85 17.81 9.98 -25.13
CA LEU A 85 18.57 10.33 -23.94
C LEU A 85 20.01 10.64 -24.29
N THR A 86 20.62 11.52 -23.50
CA THR A 86 22.01 11.92 -23.70
C THR A 86 22.96 10.86 -23.18
N GLU A 87 24.22 10.95 -23.60
CA GLU A 87 25.21 10.03 -23.10
C GLU A 87 25.35 10.13 -21.59
N CYS A 88 25.19 11.32 -21.03
CA CYS A 88 25.35 11.44 -19.59
C CYS A 88 24.28 10.60 -18.87
N HIS A 89 23.05 10.65 -19.35
CA HIS A 89 21.98 9.83 -18.76
C HIS A 89 22.27 8.34 -18.97
N LEU A 90 22.60 7.95 -20.20
CA LEU A 90 22.88 6.53 -20.47
C LEU A 90 24.02 6.04 -19.60
N ASN A 91 25.05 6.88 -19.42
CA ASN A 91 26.23 6.48 -18.67
C ASN A 91 25.91 6.22 -17.21
N GLN A 92 24.97 6.98 -16.64
CA GLN A 92 24.65 6.79 -15.24
C GLN A 92 23.86 5.51 -15.01
N LEU A 93 23.15 5.03 -16.04
CA LEU A 93 22.39 3.78 -15.96
C LEU A 93 23.22 2.56 -16.33
N ARG A 94 24.24 2.74 -17.16
CA ARG A 94 24.96 1.59 -17.71
C ARG A 94 25.51 0.64 -16.66
N PRO A 95 26.04 1.10 -15.51
CA PRO A 95 26.55 0.12 -14.53
C PRO A 95 25.46 -0.70 -13.90
N LEU A 96 24.24 -0.17 -13.88
CA LEU A 96 23.12 -0.85 -13.23
C LEU A 96 22.48 -1.88 -14.15
N LYS A 97 22.43 -1.56 -15.45
CA LYS A 97 21.74 -2.34 -16.46
C LYS A 97 20.26 -1.96 -16.36
N VAL A 98 19.85 -1.04 -17.22
CA VAL A 98 18.47 -0.61 -17.36
C VAL A 98 18.09 -0.60 -18.83
N ARG A 99 17.07 -1.37 -19.21
CA ARG A 99 16.52 -1.31 -20.56
C ARG A 99 15.16 -0.65 -20.60
N ALA A 100 14.37 -0.81 -19.54
CA ALA A 100 13.07 -0.18 -19.40
C ALA A 100 12.91 0.24 -17.95
N ASN A 101 12.21 1.35 -17.71
CA ASN A 101 12.05 1.74 -16.31
C ASN A 101 10.71 2.42 -16.06
N LEU A 102 10.29 2.32 -14.80
CA LEU A 102 9.04 2.85 -14.28
C LEU A 102 9.37 3.58 -12.98
N VAL A 103 9.09 4.89 -12.96
CA VAL A 103 9.46 5.78 -11.88
C VAL A 103 8.18 6.38 -11.33
N VAL A 104 7.95 6.20 -10.03
CA VAL A 104 6.77 6.81 -9.40
C VAL A 104 7.20 7.55 -8.12
N PRO A 105 6.49 8.60 -7.73
CA PRO A 105 6.95 9.44 -6.64
C PRO A 105 6.57 8.95 -5.26
N MET A 106 7.43 9.29 -4.31
CA MET A 106 7.17 9.13 -2.88
C MET A 106 7.08 10.51 -2.25
N VAL A 107 5.86 10.92 -1.91
CA VAL A 107 5.58 12.25 -1.39
C VAL A 107 5.24 12.13 0.09
N ILE A 108 5.98 12.85 0.93
CA ILE A 108 5.82 12.82 2.39
C ILE A 108 5.78 14.25 2.89
N ASP A 109 4.73 14.58 3.64
CA ASP A 109 4.52 15.95 4.12
C ASP A 109 4.64 16.95 2.96
N ASP A 110 3.99 16.60 1.85
CA ASP A 110 3.88 17.47 0.66
C ASP A 110 5.24 17.82 0.06
N GLN A 111 6.25 17.02 0.31
CA GLN A 111 7.57 17.16 -0.31
C GLN A 111 7.96 15.87 -1.02
N LEU A 112 8.80 16.00 -2.04
CA LEU A 112 9.26 14.83 -2.78
C LEU A 112 10.41 14.18 -2.01
N PHE A 113 10.09 13.14 -1.25
CA PHE A 113 11.09 12.39 -0.51
C PHE A 113 12.01 11.61 -1.45
N GLY A 114 11.46 10.99 -2.48
CA GLY A 114 12.22 10.07 -3.31
C GLY A 114 11.33 9.50 -4.40
N LEU A 115 11.88 8.48 -5.07
CA LEU A 115 11.22 7.79 -6.15
C LEU A 115 11.30 6.30 -5.88
N LEU A 116 10.22 5.61 -6.17
CA LEU A 116 10.22 4.17 -6.25
C LEU A 116 10.36 3.80 -7.72
N ILE A 117 11.40 3.02 -8.05
CA ILE A 117 11.80 2.81 -9.42
C ILE A 117 11.93 1.32 -9.70
N ALA A 118 11.32 0.88 -10.81
CA ALA A 118 11.44 -0.48 -11.32
C ALA A 118 12.26 -0.48 -12.60
N HIS A 119 13.10 -1.51 -12.75
CA HIS A 119 13.92 -1.72 -13.91
C HIS A 119 13.65 -3.09 -14.52
N GLN A 120 13.58 -3.15 -15.85
CA GLN A 120 13.79 -4.34 -16.65
C GLN A 120 15.12 -4.18 -17.36
N ALA A 121 16.00 -5.17 -17.23
CA ALA A 121 17.41 -4.95 -17.58
C ALA A 121 17.83 -5.44 -18.96
N SER A 122 17.20 -6.47 -19.53
CA SER A 122 17.69 -7.06 -20.76
C SER A 122 16.64 -7.14 -21.86
N GLU A 123 15.52 -6.46 -21.69
CA GLU A 123 14.54 -6.43 -22.75
C GLU A 123 13.71 -5.18 -22.56
N PRO A 124 13.17 -4.61 -23.64
CA PRO A 124 12.20 -3.53 -23.48
C PRO A 124 10.98 -4.06 -22.75
N ARG A 125 10.21 -3.15 -22.20
CA ARG A 125 9.01 -3.58 -21.48
C ARG A 125 8.03 -2.44 -21.51
N GLN A 126 6.87 -2.68 -22.11
CA GLN A 126 5.78 -1.72 -22.12
C GLN A 126 5.01 -1.90 -20.81
N TRP A 127 5.13 -0.92 -19.93
CA TRP A 127 4.48 -0.97 -18.63
C TRP A 127 2.97 -0.74 -18.82
N GLN A 128 2.17 -1.61 -18.21
CA GLN A 128 0.74 -1.59 -18.46
C GLN A 128 0.06 -0.72 -17.40
N GLU A 129 -1.14 -0.25 -17.76
CA GLU A 129 -1.88 0.62 -16.87
C GLU A 129 -2.03 0.03 -15.48
N ILE A 130 -2.40 -1.26 -15.41
CA ILE A 130 -2.64 -1.86 -14.11
C ILE A 130 -1.33 -1.92 -13.31
N GLU A 131 -0.21 -2.20 -13.97
CA GLU A 131 1.07 -2.22 -13.27
C GLU A 131 1.44 -0.84 -12.74
N ILE A 132 1.25 0.19 -13.57
CA ILE A 132 1.54 1.55 -13.15
C ILE A 132 0.67 1.92 -11.97
N ASP A 133 -0.61 1.54 -12.00
N ASP A 133 -0.63 1.58 -12.04
CA ASP A 133 -1.50 1.84 -10.90
CA ASP A 133 -1.55 1.79 -10.93
C ASP A 133 -1.08 1.12 -9.63
C ASP A 133 -1.02 1.14 -9.66
N GLN A 134 -0.78 -0.17 -9.73
CA GLN A 134 -0.35 -0.92 -8.55
C GLN A 134 0.94 -0.37 -7.95
N PHE A 135 1.92 -0.06 -8.80
CA PHE A 135 3.22 0.42 -8.34
C PHE A 135 3.10 1.80 -7.71
N SER A 136 2.33 2.69 -8.36
CA SER A 136 2.03 4.01 -7.80
C SER A 136 1.36 3.90 -6.44
N GLU A 137 0.36 3.03 -6.31
CA GLU A 137 -0.32 2.89 -5.04
C GLU A 137 0.58 2.30 -3.97
N LEU A 138 1.50 1.42 -4.36
CA LEU A 138 2.45 0.89 -3.40
C LEU A 138 3.33 2.01 -2.85
N ALA A 139 3.88 2.81 -3.76
CA ALA A 139 4.72 3.93 -3.33
C ALA A 139 3.93 4.90 -2.47
N SER A 140 2.69 5.20 -2.87
CA SER A 140 1.87 6.13 -2.11
C SER A 140 1.54 5.59 -0.73
N THR A 141 1.19 4.30 -0.64
CA THR A 141 0.89 3.72 0.66
C THR A 141 2.10 3.74 1.58
N GLY A 142 3.26 3.33 1.06
CA GLY A 142 4.46 3.37 1.87
C GLY A 142 4.82 4.77 2.31
N SER A 143 4.64 5.76 1.44
CA SER A 143 4.89 7.14 1.78
C SER A 143 3.97 7.62 2.89
N LEU A 144 2.69 7.29 2.80
CA LEU A 144 1.73 7.71 3.81
C LEU A 144 2.00 7.02 5.14
N VAL A 145 2.42 5.75 5.09
CA VAL A 145 2.83 5.08 6.31
C VAL A 145 3.94 5.88 6.99
N LEU A 146 4.98 6.22 6.23
CA LEU A 146 6.10 6.98 6.81
C LEU A 146 5.65 8.33 7.33
N GLU A 147 4.74 8.98 6.62
CA GLU A 147 4.24 10.27 7.03
C GLU A 147 3.52 10.19 8.37
N ARG A 148 2.78 9.11 8.58
N ARG A 148 2.76 9.12 8.59
CA ARG A 148 1.99 8.98 9.81
CA ARG A 148 1.98 9.02 9.81
C ARG A 148 2.80 8.42 10.95
C ARG A 148 2.73 8.32 10.94
N LEU A 149 3.81 7.59 10.63
CA LEU A 149 4.54 6.86 11.66
C LEU A 149 5.28 7.81 12.58
N HIS A 150 5.84 8.89 12.03
CA HIS A 150 6.52 9.87 12.85
C HIS A 150 6.15 11.25 12.34
N SER B 1 6.40 3.89 20.26
CA SER B 1 5.89 2.67 20.91
C SER B 1 5.26 1.74 19.87
N GLU B 2 5.10 0.45 20.21
CA GLU B 2 4.52 -0.59 19.34
C GLU B 2 3.07 -0.23 19.01
N LEU B 3 2.34 0.30 20.00
CA LEU B 3 0.91 0.72 19.86
C LEU B 3 0.82 1.95 18.95
N ARG B 4 1.71 2.90 19.10
CA ARG B 4 1.69 4.07 18.21
C ARG B 4 1.99 3.57 16.78
N ASP B 5 2.89 2.59 16.60
CA ASP B 5 3.23 2.13 15.26
C ASP B 5 2.03 1.45 14.60
N ARG B 6 1.36 0.56 15.33
CA ARG B 6 0.19 -0.12 14.77
C ARG B 6 -0.87 0.90 14.36
N GLN B 7 -1.14 1.87 15.24
CA GLN B 7 -2.17 2.85 14.94
C GLN B 7 -1.82 3.66 13.70
N ALA B 8 -0.54 3.98 13.52
CA ALA B 8 -0.15 4.73 12.33
C ALA B 8 -0.43 3.94 11.07
N ILE B 9 -0.10 2.65 11.06
CA ILE B 9 -0.40 1.82 9.90
C ILE B 9 -1.91 1.72 9.71
N PHE B 10 -2.66 1.52 10.80
CA PHE B 10 -4.12 1.40 10.69
C PHE B 10 -4.75 2.68 10.14
N GLU B 11 -4.32 3.85 10.64
CA GLU B 11 -4.87 5.10 10.10
C GLU B 11 -4.53 5.27 8.63
N THR B 12 -3.33 4.84 8.23
CA THR B 12 -2.95 4.86 6.81
C THR B 12 -3.86 3.97 5.99
N LEU B 13 -4.11 2.75 6.46
CA LEU B 13 -4.91 1.81 5.68
C LEU B 13 -6.34 2.30 5.49
N VAL B 14 -6.96 2.82 6.54
CA VAL B 14 -8.36 3.25 6.37
C VAL B 14 -8.43 4.44 5.43
N ALA B 15 -7.48 5.38 5.52
CA ALA B 15 -7.51 6.57 4.68
C ALA B 15 -7.28 6.21 3.22
N LYS B 16 -6.22 5.44 2.95
CA LYS B 16 -5.92 5.00 1.61
C LYS B 16 -7.01 4.08 1.08
N GLY B 17 -7.54 3.21 1.94
CA GLY B 17 -8.58 2.30 1.51
C GLY B 17 -9.83 3.02 1.03
N ARG B 18 -10.25 4.05 1.77
CA ARG B 18 -11.45 4.76 1.35
C ARG B 18 -11.20 5.53 0.06
N GLU B 19 -10.01 6.13 -0.07
CA GLU B 19 -9.65 6.77 -1.33
C GLU B 19 -9.68 5.77 -2.49
N LEU B 20 -9.08 4.59 -2.29
CA LEU B 20 -8.97 3.61 -3.37
C LEU B 20 -10.34 3.22 -3.88
N LEU B 21 -11.25 2.96 -2.95
CA LEU B 21 -12.56 2.43 -3.28
C LEU B 21 -13.62 3.50 -3.48
N ALA B 22 -13.38 4.73 -3.03
CA ALA B 22 -14.38 5.78 -3.03
C ALA B 22 -15.68 5.26 -2.40
N CYS B 23 -15.53 4.58 -1.29
CA CYS B 23 -16.67 4.07 -0.54
C CYS B 23 -16.94 4.99 0.64
N ASP B 24 -17.92 4.64 1.45
CA ASP B 24 -18.38 5.55 2.49
C ASP B 24 -17.65 5.38 3.81
N ARG B 25 -17.08 4.21 4.08
CA ARG B 25 -16.36 3.98 5.33
C ARG B 25 -15.36 2.85 5.11
N VAL B 26 -14.17 2.99 5.68
CA VAL B 26 -13.22 1.90 5.82
C VAL B 26 -12.76 1.89 7.27
N ILE B 27 -12.68 0.69 7.86
CA ILE B 27 -12.25 0.54 9.24
C ILE B 27 -11.21 -0.56 9.36
N VAL B 28 -10.44 -0.46 10.44
CA VAL B 28 -9.69 -1.60 10.95
C VAL B 28 -10.42 -2.11 12.18
N TYR B 29 -10.81 -3.37 12.09
CA TYR B 29 -11.55 -4.09 13.12
C TYR B 29 -10.55 -5.04 13.77
N ALA B 30 -10.02 -4.63 14.91
CA ALA B 30 -8.90 -5.31 15.53
C ALA B 30 -9.39 -6.26 16.63
N PHE B 31 -8.78 -7.44 16.70
CA PHE B 31 -9.22 -8.49 17.63
C PHE B 31 -8.39 -8.48 18.91
N ASP B 32 -9.07 -8.70 20.03
CA ASP B 32 -8.39 -9.07 21.27
C ASP B 32 -8.17 -10.59 21.27
N ASP B 33 -7.72 -11.15 22.39
N ASP B 33 -7.72 -11.14 22.41
CA ASP B 33 -7.36 -12.56 22.39
CA ASP B 33 -7.36 -12.55 22.44
C ASP B 33 -8.58 -13.49 22.39
C ASP B 33 -8.58 -13.47 22.30
N ASN B 34 -9.79 -12.95 22.54
CA ASN B 34 -11.02 -13.72 22.37
C ASN B 34 -11.75 -13.35 21.09
N TYR B 35 -11.07 -12.66 20.18
CA TYR B 35 -11.64 -12.18 18.91
C TYR B 35 -12.90 -11.34 19.11
N VAL B 36 -12.92 -10.56 20.19
CA VAL B 36 -13.83 -9.41 20.29
C VAL B 36 -13.18 -8.28 19.50
N GLY B 37 -13.97 -7.61 18.67
CA GLY B 37 -13.42 -6.61 17.76
C GLY B 37 -13.63 -5.19 18.28
N THR B 38 -12.61 -4.37 18.07
CA THR B 38 -12.68 -2.94 18.35
C THR B 38 -12.38 -2.21 17.05
N VAL B 39 -13.20 -1.21 16.74
CA VAL B 39 -12.95 -0.38 15.58
C VAL B 39 -11.86 0.62 15.94
N VAL B 40 -10.60 0.26 15.67
CA VAL B 40 -9.48 1.06 16.15
C VAL B 40 -9.11 2.20 15.21
N ALA B 41 -9.54 2.15 13.95
CA ALA B 41 -9.30 3.22 12.99
C ALA B 41 -10.47 3.28 12.01
N GLU B 42 -10.73 4.49 11.51
CA GLU B 42 -11.87 4.73 10.63
C GLU B 42 -11.59 5.90 9.72
N SER B 43 -11.92 5.72 8.44
CA SER B 43 -12.07 6.81 7.48
C SER B 43 -13.52 6.76 7.00
N VAL B 44 -14.26 7.82 7.25
CA VAL B 44 -15.69 7.80 6.97
C VAL B 44 -16.05 9.12 6.32
N ALA B 45 -16.87 9.03 5.27
CA ALA B 45 -17.33 10.23 4.57
C ALA B 45 -18.28 11.03 5.44
N GLU B 46 -18.39 12.32 5.09
CA GLU B 46 -19.27 13.23 5.80
C GLU B 46 -20.70 12.68 5.86
N GLY B 47 -21.33 12.83 7.01
CA GLY B 47 -22.73 12.50 7.15
C GLY B 47 -23.06 11.10 7.61
N TRP B 48 -22.08 10.19 7.65
CA TRP B 48 -22.33 8.82 8.08
C TRP B 48 -21.90 8.63 9.53
N PRO B 49 -22.52 7.70 10.26
CA PRO B 49 -22.13 7.49 11.66
C PRO B 49 -20.68 7.08 11.78
N GLN B 50 -20.07 7.44 12.91
N GLN B 50 -20.06 7.49 12.89
CA GLN B 50 -18.66 7.12 13.18
CA GLN B 50 -18.70 7.11 13.21
C GLN B 50 -18.60 5.87 14.04
C GLN B 50 -18.72 5.80 13.99
N ALA B 51 -18.05 4.79 13.46
CA ALA B 51 -17.88 3.51 14.15
C ALA B 51 -16.64 3.51 15.05
N ARG B 52 -15.76 4.50 14.90
CA ARG B 52 -14.50 4.54 15.64
C ARG B 52 -14.72 4.32 17.13
N ASP B 53 -13.89 3.43 17.70
CA ASP B 53 -13.77 3.08 19.10
C ASP B 53 -14.89 2.18 19.58
N GLN B 54 -15.86 1.82 18.74
CA GLN B 54 -16.88 0.87 19.17
C GLN B 54 -16.30 -0.53 19.34
N VAL B 55 -16.79 -1.22 20.36
CA VAL B 55 -16.44 -2.61 20.63
C VAL B 55 -17.62 -3.45 20.19
N ILE B 56 -17.38 -4.44 19.33
CA ILE B 56 -18.44 -5.25 18.76
C ILE B 56 -18.14 -6.70 19.08
N GLU B 57 -18.92 -7.28 19.99
N GLU B 57 -18.99 -7.30 19.92
CA GLU B 57 -18.80 -8.67 20.37
CA GLU B 57 -18.78 -8.68 20.38
C GLU B 57 -19.58 -9.48 19.35
C GLU B 57 -19.53 -9.62 19.43
N ASP B 58 -18.88 -9.92 18.31
CA ASP B 58 -19.48 -10.78 17.29
C ASP B 58 -18.81 -12.13 17.35
N PRO B 59 -19.50 -13.19 17.76
CA PRO B 59 -18.83 -14.47 18.02
C PRO B 59 -18.45 -15.25 16.78
N CYS B 60 -18.84 -14.82 15.59
CA CYS B 60 -18.60 -15.72 14.45
C CYS B 60 -17.14 -15.85 14.09
N PHE B 61 -16.29 -14.87 14.44
CA PHE B 61 -14.88 -15.01 14.06
C PHE B 61 -14.18 -16.05 14.92
N ARG B 62 -14.34 -15.94 16.24
CA ARG B 62 -13.78 -16.92 17.18
C ARG B 62 -14.30 -18.33 16.89
N GLU B 63 -15.60 -18.44 16.61
CA GLU B 63 -16.26 -19.74 16.50
C GLU B 63 -16.15 -20.37 15.12
N HIS B 64 -16.04 -19.57 14.06
CA HIS B 64 -16.21 -20.11 12.72
C HIS B 64 -15.20 -19.67 11.68
N TRP B 65 -14.62 -18.47 11.76
CA TRP B 65 -13.93 -17.92 10.60
C TRP B 65 -12.46 -17.60 10.84
N VAL B 66 -11.95 -17.79 12.06
CA VAL B 66 -10.56 -17.45 12.33
C VAL B 66 -9.60 -18.17 11.38
N GLU B 67 -9.81 -19.47 11.16
CA GLU B 67 -8.89 -20.24 10.33
C GLU B 67 -8.94 -19.80 8.88
N ALA B 68 -10.15 -19.64 8.33
CA ALA B 68 -10.28 -19.22 6.94
C ALA B 68 -9.66 -17.85 6.70
N TYR B 69 -9.89 -16.90 7.61
CA TYR B 69 -9.26 -15.58 7.42
C TYR B 69 -7.74 -15.66 7.58
N ARG B 70 -7.23 -16.44 8.54
CA ARG B 70 -5.79 -16.66 8.60
C ARG B 70 -5.25 -17.16 7.26
N GLN B 71 -6.05 -17.94 6.55
CA GLN B 71 -5.67 -18.52 5.27
C GLN B 71 -6.06 -17.65 4.08
N GLY B 72 -6.53 -16.43 4.32
CA GLY B 72 -6.72 -15.48 3.25
C GLY B 72 -8.13 -15.35 2.71
N ARG B 73 -9.14 -15.85 3.41
CA ARG B 73 -10.51 -15.60 3.01
C ARG B 73 -10.78 -14.11 2.79
N ILE B 74 -11.55 -13.81 1.75
CA ILE B 74 -12.12 -12.51 1.49
C ILE B 74 -13.62 -12.68 1.38
N GLN B 75 -14.38 -11.80 2.01
CA GLN B 75 -15.84 -11.83 1.92
C GLN B 75 -16.32 -10.52 1.35
N ALA B 76 -17.07 -10.60 0.26
CA ALA B 76 -17.67 -9.44 -0.38
C ALA B 76 -19.17 -9.67 -0.46
N THR B 77 -19.95 -8.68 -0.01
CA THR B 77 -21.41 -8.77 -0.01
C THR B 77 -21.98 -7.55 -0.71
N THR B 78 -22.73 -7.77 -1.78
CA THR B 78 -23.32 -6.68 -2.56
C THR B 78 -24.46 -5.99 -1.81
N ASP B 79 -25.32 -6.77 -1.14
CA ASP B 79 -26.51 -6.23 -0.49
C ASP B 79 -26.75 -7.03 0.78
N ILE B 80 -26.48 -6.42 1.93
CA ILE B 80 -26.55 -7.16 3.19
C ILE B 80 -27.98 -7.60 3.51
N PHE B 81 -29.00 -6.92 2.95
CA PHE B 81 -30.38 -7.32 3.21
C PHE B 81 -30.83 -8.45 2.29
N LYS B 82 -29.95 -8.95 1.43
CA LYS B 82 -30.24 -10.06 0.53
C LYS B 82 -29.19 -11.14 0.65
N ALA B 83 -28.65 -11.34 1.86
CA ALA B 83 -27.52 -12.23 2.07
C ALA B 83 -27.81 -13.35 3.07
N GLY B 84 -29.07 -13.55 3.45
CA GLY B 84 -29.43 -14.60 4.38
C GLY B 84 -28.94 -14.37 5.80
N LEU B 85 -28.77 -13.12 6.21
CA LEU B 85 -28.19 -12.82 7.50
C LEU B 85 -29.27 -12.70 8.58
N THR B 86 -28.92 -13.14 9.78
CA THR B 86 -29.86 -13.08 10.89
C THR B 86 -30.02 -11.63 11.37
N GLU B 87 -31.09 -11.42 12.16
CA GLU B 87 -31.32 -10.10 12.70
C GLU B 87 -30.19 -9.66 13.63
N CYS B 88 -29.62 -10.60 14.40
CA CYS B 88 -28.52 -10.24 15.29
C CYS B 88 -27.35 -9.67 14.51
N HIS B 89 -27.01 -10.29 13.38
CA HIS B 89 -25.96 -9.77 12.51
C HIS B 89 -26.37 -8.41 11.94
N LEU B 90 -27.56 -8.32 11.35
CA LEU B 90 -28.00 -7.07 10.72
C LEU B 90 -28.03 -5.92 11.72
N ASN B 91 -28.37 -6.19 12.98
CA ASN B 91 -28.47 -5.13 13.96
C ASN B 91 -27.11 -4.55 14.32
N GLN B 92 -26.01 -5.25 14.00
CA GLN B 92 -24.70 -4.66 14.18
C GLN B 92 -24.37 -3.66 13.08
N LEU B 93 -24.93 -3.88 11.89
CA LEU B 93 -24.61 -3.11 10.71
C LEU B 93 -25.59 -1.95 10.49
N ARG B 94 -26.85 -2.16 10.82
CA ARG B 94 -27.88 -1.13 10.65
C ARG B 94 -27.50 0.22 11.24
N PRO B 95 -26.99 0.31 12.47
CA PRO B 95 -26.71 1.65 13.00
C PRO B 95 -25.62 2.37 12.24
N LEU B 96 -24.72 1.62 11.60
CA LEU B 96 -23.64 2.19 10.81
C LEU B 96 -24.03 2.41 9.35
N LYS B 97 -25.26 2.05 8.96
CA LYS B 97 -25.83 2.32 7.64
C LYS B 97 -25.19 1.48 6.55
N VAL B 98 -24.60 0.33 6.94
CA VAL B 98 -23.96 -0.56 5.99
C VAL B 98 -25.01 -1.15 5.06
N ARG B 99 -24.77 -1.07 3.76
CA ARG B 99 -25.56 -1.79 2.76
C ARG B 99 -24.76 -2.82 1.99
N ALA B 100 -23.47 -2.60 1.78
CA ALA B 100 -22.59 -3.53 1.11
C ALA B 100 -21.25 -3.47 1.82
N ASN B 101 -20.54 -4.60 1.89
CA ASN B 101 -19.27 -4.57 2.59
C ASN B 101 -18.29 -5.58 1.99
N LEU B 102 -17.02 -5.30 2.26
CA LEU B 102 -15.90 -6.05 1.73
C LEU B 102 -14.93 -6.24 2.89
N VAL B 103 -14.56 -7.49 3.16
CA VAL B 103 -13.79 -7.87 4.34
C VAL B 103 -12.53 -8.60 3.87
N VAL B 104 -11.37 -8.07 4.24
CA VAL B 104 -10.10 -8.74 3.96
C VAL B 104 -9.31 -8.84 5.26
N PRO B 105 -8.46 -9.87 5.40
CA PRO B 105 -7.79 -10.08 6.68
C PRO B 105 -6.46 -9.36 6.78
N MET B 106 -6.11 -9.04 8.03
N MET B 106 -6.09 -9.07 8.02
CA MET B 106 -4.79 -8.54 8.41
CA MET B 106 -4.77 -8.54 8.35
C MET B 106 -4.10 -9.69 9.13
C MET B 106 -4.07 -9.64 9.14
N VAL B 107 -3.15 -10.33 8.46
CA VAL B 107 -2.44 -11.47 9.01
C VAL B 107 -1.00 -11.04 9.25
N ILE B 108 -0.58 -11.08 10.51
CA ILE B 108 0.75 -10.65 10.93
C ILE B 108 1.38 -11.83 11.66
N ASP B 109 2.53 -12.27 11.17
CA ASP B 109 3.21 -13.41 11.76
C ASP B 109 2.26 -14.59 11.84
N ASP B 110 1.53 -14.80 10.74
CA ASP B 110 0.66 -15.93 10.52
C ASP B 110 -0.57 -15.94 11.43
N GLN B 111 -0.80 -14.85 12.17
CA GLN B 111 -1.90 -14.74 13.12
C GLN B 111 -2.86 -13.65 12.66
N LEU B 112 -4.14 -13.85 12.96
CA LEU B 112 -5.19 -12.93 12.52
C LEU B 112 -5.30 -11.77 13.50
N PHE B 113 -4.67 -10.67 13.15
CA PHE B 113 -4.67 -9.48 13.95
C PHE B 113 -6.00 -8.74 13.88
N GLY B 114 -6.68 -8.74 12.72
CA GLY B 114 -7.88 -7.97 12.51
C GLY B 114 -8.35 -8.08 11.08
N LEU B 115 -9.34 -7.25 10.75
CA LEU B 115 -9.93 -7.20 9.43
C LEU B 115 -9.93 -5.75 8.96
N LEU B 116 -9.59 -5.56 7.69
CA LEU B 116 -9.79 -4.28 7.00
C LEU B 116 -11.12 -4.39 6.28
N ILE B 117 -12.08 -3.52 6.62
CA ILE B 117 -13.45 -3.65 6.16
C ILE B 117 -13.90 -2.35 5.49
N ALA B 118 -14.42 -2.48 4.27
CA ALA B 118 -15.01 -1.38 3.53
C ALA B 118 -16.53 -1.48 3.56
N HIS B 119 -17.19 -0.34 3.73
CA HIS B 119 -18.64 -0.24 3.67
C HIS B 119 -19.08 0.72 2.57
N GLN B 120 -20.09 0.30 1.81
CA GLN B 120 -20.95 1.22 1.06
C GLN B 120 -22.22 1.42 1.90
N ALA B 121 -22.55 2.68 2.19
CA ALA B 121 -23.63 2.99 3.11
C ALA B 121 -24.91 3.32 2.36
N SER B 122 -26.07 2.81 2.85
CA SER B 122 -27.45 3.04 2.39
C SER B 122 -27.61 2.88 0.89
N GLU B 123 -26.82 2.01 0.23
CA GLU B 123 -26.76 1.81 -1.25
C GLU B 123 -26.03 0.50 -1.59
N PRO B 124 -26.58 -0.48 -2.36
CA PRO B 124 -25.85 -1.70 -2.68
C PRO B 124 -24.66 -1.47 -3.62
N ARG B 125 -23.68 -2.37 -3.60
CA ARG B 125 -22.48 -2.19 -4.41
C ARG B 125 -21.87 -3.55 -4.72
N GLN B 126 -21.77 -3.86 -6.01
CA GLN B 126 -21.07 -5.07 -6.44
C GLN B 126 -19.57 -4.75 -6.45
N TRP B 127 -18.84 -5.37 -5.53
CA TRP B 127 -17.40 -5.16 -5.51
C TRP B 127 -16.76 -5.89 -6.67
N GLN B 128 -15.93 -5.18 -7.43
CA GLN B 128 -15.30 -5.72 -8.63
C GLN B 128 -13.98 -6.40 -8.26
N GLU B 129 -13.54 -7.30 -9.16
CA GLU B 129 -12.36 -8.10 -8.88
C GLU B 129 -11.14 -7.23 -8.61
N ILE B 130 -10.92 -6.23 -9.47
CA ILE B 130 -9.68 -5.46 -9.27
C ILE B 130 -9.79 -4.56 -8.04
N GLU B 131 -11.00 -4.13 -7.67
CA GLU B 131 -11.18 -3.43 -6.40
C GLU B 131 -10.81 -4.33 -5.23
N ILE B 132 -11.28 -5.58 -5.27
CA ILE B 132 -10.96 -6.53 -4.21
C ILE B 132 -9.46 -6.77 -4.15
N ASP B 133 -8.81 -6.91 -5.32
CA ASP B 133 -7.37 -7.12 -5.35
C ASP B 133 -6.62 -5.94 -4.74
N GLN B 134 -6.99 -4.72 -5.13
CA GLN B 134 -6.33 -3.54 -4.56
C GLN B 134 -6.53 -3.45 -3.05
N PHE B 135 -7.74 -3.73 -2.57
CA PHE B 135 -8.00 -3.68 -1.13
C PHE B 135 -7.26 -4.78 -0.37
N SER B 136 -7.28 -6.01 -0.90
CA SER B 136 -6.50 -7.09 -0.31
C SER B 136 -5.03 -6.74 -0.27
N GLU B 137 -4.51 -6.13 -1.35
CA GLU B 137 -3.10 -5.79 -1.40
C GLU B 137 -2.74 -4.70 -0.39
N LEU B 138 -3.66 -3.75 -0.19
CA LEU B 138 -3.43 -2.71 0.81
C LEU B 138 -3.30 -3.34 2.20
N ALA B 139 -4.22 -4.25 2.54
CA ALA B 139 -4.14 -4.92 3.83
C ALA B 139 -2.84 -5.71 3.96
N SER B 140 -2.45 -6.41 2.90
CA SER B 140 -1.21 -7.21 2.97
C SER B 140 0.00 -6.32 3.15
N THR B 141 0.07 -5.23 2.38
CA THR B 141 1.19 -4.30 2.51
C THR B 141 1.29 -3.77 3.93
N GLY B 142 0.16 -3.30 4.48
CA GLY B 142 0.19 -2.83 5.85
C GLY B 142 0.63 -3.90 6.82
N SER B 143 0.12 -5.12 6.65
CA SER B 143 0.50 -6.21 7.55
C SER B 143 1.98 -6.54 7.44
N LEU B 144 2.52 -6.54 6.21
CA LEU B 144 3.94 -6.84 6.01
C LEU B 144 4.81 -5.76 6.64
N VAL B 145 4.37 -4.50 6.57
CA VAL B 145 5.13 -3.44 7.22
C VAL B 145 5.17 -3.67 8.73
N LEU B 146 4.02 -3.97 9.34
CA LEU B 146 4.01 -4.19 10.79
C LEU B 146 4.87 -5.40 11.18
N GLU B 147 4.86 -6.45 10.35
CA GLU B 147 5.74 -7.59 10.59
C GLU B 147 7.19 -7.17 10.62
N ARG B 148 7.57 -6.24 9.75
CA ARG B 148 8.97 -5.85 9.63
C ARG B 148 9.38 -4.85 10.69
N LEU B 149 8.43 -4.09 11.24
CA LEU B 149 8.78 -3.02 12.15
C LEU B 149 9.18 -3.56 13.52
N HIS B 150 8.69 -4.74 13.86
CA HIS B 150 9.00 -5.34 15.15
C HIS B 150 9.04 -6.85 14.97
C01 VRB C . 24.02 12.91 -15.28
C02 VRB C . 24.02 13.39 -16.75
C03 VRB C . 23.02 14.59 -16.98
C04 VRB C . 23.28 15.83 -16.59
C05 VRB C . 24.47 16.32 -15.79
C06 VRB C . 22.11 16.61 -17.05
O07 VRB C . 22.03 17.81 -16.84
N08 VRB C . 21.18 15.89 -17.70
C09 VRB C . 21.72 14.51 -17.77
C10 VRB C . 20.83 13.41 -17.22
C11 VRB C . 19.37 13.48 -17.54
C12 VRB C . 18.69 13.57 -18.72
C13 VRB C . 19.26 13.69 -20.11
C14 VRB C . 17.32 13.57 -18.41
C15 VRB C . 17.23 13.44 -17.02
C16 VRB C . 15.98 13.38 -16.08
C17 VRB C . 15.74 11.94 -15.53
C18 VRB C . 14.57 11.17 -15.67
C19 VRB C . 13.33 11.59 -16.44
C20 VRB C . 12.50 12.55 -15.63
C21 VRB C . 11.13 12.83 -16.23
O22 VRB C . 10.08 12.53 -15.51
O23 VRB C . 10.99 13.35 -17.33
C24 VRB C . 14.82 9.99 -14.99
C25 VRB C . 16.15 10.06 -14.45
N26 VRB C . 16.65 11.25 -14.83
C27 VRB C . 17.05 9.23 -13.61
C28 VRB C . 16.93 7.89 -13.26
N29 VRB C . 16.21 6.85 -13.85
C30 VRB C . 16.43 5.74 -13.13
O31 VRB C . 15.97 4.62 -13.35
C32 VRB C . 17.32 6.03 -12.06
C33 VRB C . 17.61 7.35 -12.14
C34 VRB C . 18.52 8.11 -11.19
C35 VRB C . 17.79 5.03 -11.02
C36 VRB C . 19.01 4.29 -11.51
C37 VRB C . 13.83 8.86 -14.87
N38 VRB C . 18.48 13.39 -16.52
C39 VRB C . 16.13 13.66 -19.35
C40 VRB C . 15.89 15.07 -19.89
C41 VRB C . 15.47 16.01 -18.78
O42 VRB C . 14.55 15.74 -18.05
O43 VRB C . 16.15 17.14 -18.62
H1 VRB C . 23.44 12.22 -15.68
H2 VRB C . 24.98 12.86 -15.47
H3 VRB C . 23.64 13.80 -15.16
H4 VRB C . 23.70 12.64 -17.29
H6 VRB C . 25.29 15.95 -16.17
H7 VRB C . 24.51 17.29 -15.83
H8 VRB C . 24.38 16.03 -14.86
H9 VRB C . 20.49 16.46 -17.91
H10 VRB C . 22.16 14.50 -18.63
H11 VRB C . 20.92 13.42 -16.26
H12 VRB C . 21.16 12.56 -17.57
H13 VRB C . 18.95 12.94 -20.65
H14 VRB C . 18.96 14.52 -20.52
H15 VRB C . 20.23 13.67 -20.07
H16 VRB C . 15.19 13.65 -16.61
H18 VRB C . 13.60 12.01 -17.27
H19 VRB C . 12.80 10.82 -16.65
H20 VRB C . 12.38 12.19 -14.74
H21 VRB C . 12.98 13.40 -15.55
H23 VRB C . 17.47 11.53 -14.64
H26 VRB C . 18.75 7.54 -10.43
H27 VRB C . 19.33 8.38 -11.67
H28 VRB C . 18.05 8.91 -10.88
H29 VRB C . 18.01 5.50 -10.20
H30 VRB C . 17.08 4.41 -10.82
H31 VRB C . 18.74 3.58 -12.15
H32 VRB C . 19.61 4.91 -11.97
H33 VRB C . 19.47 3.87 -10.76
H34 VRB C . 14.01 8.19 -15.55
H35 VRB C . 12.93 9.20 -14.97
H36 VRB C . 13.91 8.45 -13.98
H37 VRB C . 18.70 13.30 -15.64
H38 VRB C . 16.29 13.06 -20.10
H39 VRB C . 15.34 13.35 -18.89
H40 VRB C . 16.69 15.41 -20.31
H41 VRB C . 15.19 15.05 -20.56
H24 VRB C . 17.83 9.68 -13.27
H421 VRB C . 15.66 6.58 -14.51
MG MG D . 4.54 12.76 10.16
C1 EDO E . 13.27 -14.04 -8.50
O1 EDO E . 13.88 -12.95 -9.21
C2 EDO E . 13.59 -13.95 -7.01
O2 EDO E . 14.99 -13.66 -6.83
H11 EDO E . 12.19 -14.02 -8.65
H12 EDO E . 13.64 -14.99 -8.90
HO1 EDO E . 13.71 -13.04 -10.15
H21 EDO E . 12.99 -13.16 -6.55
H22 EDO E . 13.35 -14.90 -6.53
HO2 EDO E . 15.17 -13.60 -5.87
MG MG F . 9.64 3.22 17.42
MG MG G . -7.54 3.83 -8.20
C01 VRB H . -24.26 -10.60 17.29
C02 VRB H . -25.36 -11.51 16.75
C03 VRB H . -24.92 -12.92 16.43
C04 VRB H . -24.77 -13.88 17.34
C05 VRB H . -24.94 -13.79 18.82
C06 VRB H . -24.32 -15.05 16.56
O07 VRB H . -24.10 -16.12 17.10
N08 VRB H . -24.23 -14.82 15.23
C09 VRB H . -24.66 -13.43 15.04
C10 VRB H . -23.67 -12.55 14.33
C11 VRB H . -23.12 -13.15 13.08
C12 VRB H . -23.66 -13.86 12.03
C13 VRB H . -25.08 -14.27 11.83
C14 VRB H . -22.63 -14.15 11.13
C15 VRB H . -21.48 -13.57 11.66
C16 VRB H . -20.05 -13.58 11.11
C17 VRB H . -19.69 -12.21 10.46
C18 VRB H . -19.26 -11.96 9.14
C19 VRB H . -19.15 -12.98 8.03
C20 VRB H . -17.80 -13.66 7.97
C21 VRB H . -17.58 -14.43 6.68
O22 VRB H . -16.34 -14.44 6.20
O23 VRB H . -18.45 -15.04 6.08
C24 VRB H . -19.02 -10.60 9.08
C25 VRB H . -19.30 -10.06 10.36
N26 VRB H . -19.72 -11.06 11.12
C27 VRB H . -19.23 -8.72 10.99
C28 VRB H . -19.04 -7.46 10.45
N29 VRB H . -19.18 -6.99 9.14
C30 VRB H . -18.92 -5.67 9.15
O31 VRB H . -18.98 -4.94 8.18
C32 VRB H . -18.57 -5.27 10.45
C33 VRB H . -18.65 -6.36 11.25
C34 VRB H . -18.36 -6.38 12.73
C35 VRB H . -18.17 -3.87 10.90
C36 VRB H . -19.40 -3.11 11.37
C37 VRB H . -18.54 -9.87 7.86
N38 VRB H . -21.79 -12.97 12.83
C39 VRB H . -22.72 -14.87 9.81
C40 VRB H . -23.09 -16.34 9.90
C41 VRB H . -21.86 -17.13 10.21
O42 VRB H . -20.90 -17.11 9.48
O43 VRB H . -21.89 -17.83 11.33
H1 VRB H . -24.06 -10.53 16.34
H2 VRB H . -25.05 -10.12 17.62
H3 VRB H . -24.02 -11.43 17.74
H4 VRB H . -25.62 -11.11 15.90
H6 VRB H . -25.09 -14.68 19.19
H7 VRB H . -24.13 -13.42 19.22
H8 VRB H . -25.70 -13.22 19.03
H9 VRB H . -23.92 -15.60 14.85
H10 VRB H . -25.61 -13.50 14.82
H11 VRB H . -22.92 -12.38 14.92
H12 VRB H . -24.10 -11.72 14.08
H13 VRB H . -25.48 -13.76 11.10
H14 VRB H . -25.59 -14.11 12.65
H15 VRB H . -25.12 -15.22 11.62
H16 VRB H . -19.98 -14.28 10.44
H18 VRB H . -19.32 -12.55 7.19
H19 VRB H . -19.83 -13.66 8.15
H20 VRB H . -17.10 -12.98 8.06
H21 VRB H . -17.71 -14.27 8.72
H23 VRB H . -19.99 -10.98 11.98
H26 VRB H . -19.18 -6.57 13.22
H27 VRB H . -17.71 -7.08 12.92
H28 VRB H . -18.00 -5.51 13.00
H29 VRB H . -17.54 -3.94 11.63
H30 VRB H . -17.74 -3.41 10.17
H31 VRB H . -19.13 -2.36 11.92
H32 VRB H . -19.89 -2.77 10.58
H33 VRB H . -19.98 -3.70 11.88
H34 VRB H . -17.58 -9.70 7.94
H35 VRB H . -19.00 -9.02 7.78
H36 VRB H . -18.70 -10.41 7.07
H37 VRB H . -21.21 -12.52 13.38
H38 VRB H . -23.38 -14.42 9.25
H39 VRB H . -21.86 -14.79 9.35
H40 VRB H . -23.75 -16.47 10.60
H41 VRB H . -23.48 -16.65 9.06
H24 VRB H . -19.32 -8.73 11.96
H421 VRB H . -19.38 -7.17 8.27
C1 EDO I . -21.70 -9.89 6.46
O1 EDO I . -21.51 -8.57 6.99
C2 EDO I . -21.59 -9.88 4.94
O2 EDO I . -20.21 -9.76 4.57
H11 EDO I . -22.70 -10.26 6.74
H12 EDO I . -20.96 -10.56 6.88
HO1 EDO I . -21.24 -8.63 7.92
H21 EDO I . -22.16 -9.04 4.53
H22 EDO I . -22.01 -10.81 4.53
HO2 EDO I . -20.13 -9.74 3.61
MG MG J . 8.30 -9.09 12.94
C1 EDO K . -19.25 -8.99 -5.75
O1 EDO K . -17.97 -9.65 -5.64
C2 EDO K . -19.92 -8.99 -4.39
O2 EDO K . -20.11 -7.63 -3.99
H11 EDO K . -19.87 -9.53 -6.48
H12 EDO K . -19.11 -7.98 -6.12
HO1 EDO K . -17.53 -9.64 -6.50
H21 EDO K . -19.31 -9.51 -3.67
H22 EDO K . -20.89 -9.49 -4.45
HO2 EDO K . -20.48 -7.60 -3.10
#